data_4YQL
#
_entry.id   4YQL
#
_cell.length_a   96.220
_cell.length_b   96.220
_cell.length_c   178.944
_cell.angle_alpha   90.000
_cell.angle_beta   90.000
_cell.angle_gamma   120.000
#
_symmetry.space_group_name_H-M   'H 3 2'
#
loop_
_entity.id
_entity.type
_entity.pdbx_description
1 polymer 'tRNA (guanine-N(1)-)-methyltransferase'
2 non-polymer 4-amino-N-[(1S,2R)-2-(4-sulfamoylphenyl)cyclopropyl]-1,2,5-oxadiazole-3-carboxamide
3 water water
#
_entity_poly.entity_id   1
_entity_poly.type   'polypeptide(L)'
_entity_poly.pdbx_seq_one_letter_code
;GLVPRGSHMWIGVISLFPEMFKAITEFGVTGRAVKHNLLKVECWNPRDFTFDKHKTVDDRPYGGGPGMLMMVQPLRDAIH
TAKAAAGEGAKVIYLSPQGRKLDQGGVTELAQNQKLILVCGRYEGIDERLIQTEIDEEWSIGDYVLTGGELPAMTLIDAV
ARFIPGVLGKQASAEEDSFADGLLDCPHYTRPEVLEGLTVPPVLMSGHHEEIRKWRLKQSLQRTWLRRPELLEGLALTDE
QRKLLKEAQAEHNS
;
_entity_poly.pdbx_strand_id   A
#
loop_
_chem_comp.id
_chem_comp.type
_chem_comp.name
_chem_comp.formula
4H4 non-polymer 4-amino-N-[(1S,2R)-2-(4-sulfamoylphenyl)cyclopropyl]-1,2,5-oxadiazole-3-carboxamide 'C12 H13 N5 O4 S'
#
# COMPACT_ATOMS: atom_id res chain seq x y z
N GLY A 6 -0.75 -8.38 21.53
CA GLY A 6 -1.61 -8.85 20.45
C GLY A 6 -0.85 -9.64 19.38
N SER A 7 -1.34 -9.58 18.14
CA SER A 7 -0.73 -10.29 17.01
C SER A 7 0.12 -9.36 16.13
N HIS A 8 1.41 -9.25 16.44
CA HIS A 8 2.30 -8.26 15.82
C HIS A 8 2.70 -8.60 14.37
N MET A 9 3.50 -7.73 13.73
CA MET A 9 3.93 -7.96 12.36
C MET A 9 5.40 -7.65 12.13
N TRP A 10 6.07 -8.49 11.37
CA TRP A 10 7.48 -8.29 11.15
C TRP A 10 7.74 -8.08 9.67
N ILE A 11 8.50 -7.03 9.35
CA ILE A 11 8.77 -6.66 7.98
C ILE A 11 10.24 -6.43 7.81
N GLY A 12 10.87 -7.33 7.05
CA GLY A 12 12.26 -7.14 6.67
C GLY A 12 12.28 -6.35 5.37
N VAL A 13 13.29 -5.51 5.23
CA VAL A 13 13.37 -4.62 4.11
C VAL A 13 14.77 -4.68 3.55
N ILE A 14 14.89 -4.80 2.23
CA ILE A 14 16.19 -4.72 1.58
C ILE A 14 16.25 -3.45 0.74
N SER A 15 17.17 -2.56 1.09
CA SER A 15 17.23 -1.25 0.46
C SER A 15 18.60 -0.61 0.57
N LEU A 16 18.99 0.08 -0.50
CA LEU A 16 20.18 0.92 -0.48
C LEU A 16 19.96 2.21 0.33
N PHE A 17 18.73 2.47 0.73
CA PHE A 17 18.42 3.70 1.47
C PHE A 17 17.48 3.41 2.66
N PRO A 18 18.00 2.70 3.69
CA PRO A 18 17.14 2.26 4.80
C PRO A 18 16.54 3.46 5.56
N GLU A 19 17.27 4.56 5.59
CA GLU A 19 16.83 5.74 6.33
C GLU A 19 15.54 6.33 5.81
N MET A 20 15.25 6.10 4.53
CA MET A 20 13.95 6.47 3.96
C MET A 20 12.82 5.94 4.83
N PHE A 21 13.01 4.75 5.42
CA PHE A 21 11.94 4.10 6.18
C PHE A 21 11.63 4.76 7.53
N LYS A 22 12.48 5.70 7.95
CA LYS A 22 12.13 6.53 9.10
C LYS A 22 10.83 7.32 8.88
N ALA A 23 10.42 7.48 7.63
CA ALA A 23 9.23 8.26 7.32
C ALA A 23 7.99 7.54 7.81
N ILE A 24 8.00 6.21 7.77
CA ILE A 24 6.90 5.47 8.37
C ILE A 24 7.15 4.99 9.81
N THR A 25 8.41 4.78 10.22
CA THR A 25 8.64 4.26 11.57
C THR A 25 8.73 5.32 12.68
N GLU A 26 8.92 6.58 12.33
CA GLU A 26 9.01 7.62 13.36
C GLU A 26 7.79 8.57 13.42
N PHE A 27 6.75 8.33 12.62
CA PHE A 27 5.69 9.32 12.49
C PHE A 27 4.30 8.72 12.40
N GLY A 28 3.36 9.38 13.05
CA GLY A 28 1.94 9.10 12.90
C GLY A 28 1.55 7.72 13.37
N VAL A 29 0.46 7.23 12.81
CA VAL A 29 -0.11 5.94 13.14
C VAL A 29 0.92 4.83 13.06
N THR A 30 1.68 4.80 11.98
CA THR A 30 2.69 3.74 11.81
C THR A 30 3.81 3.91 12.83
N GLY A 31 4.18 5.14 13.12
CA GLY A 31 5.18 5.41 14.15
C GLY A 31 4.71 4.94 15.52
N ARG A 32 3.40 5.01 15.76
CA ARG A 32 2.86 4.51 17.01
C ARG A 32 2.91 2.99 17.07
N ALA A 33 2.57 2.36 15.94
CA ALA A 33 2.59 0.91 15.82
C ALA A 33 3.99 0.34 16.10
N VAL A 34 5.01 1.08 15.70
CA VAL A 34 6.36 0.63 15.94
C VAL A 34 6.72 0.80 17.42
N LYS A 35 6.35 1.94 18.00
CA LYS A 35 6.62 2.23 19.40
C LYS A 35 5.90 1.23 20.33
N HIS A 36 4.74 0.77 19.88
CA HIS A 36 3.96 -0.21 20.64
C HIS A 36 4.23 -1.65 20.22
N ASN A 37 5.34 -1.90 19.54
CA ASN A 37 5.71 -3.26 19.13
C ASN A 37 4.59 -4.03 18.45
N LEU A 38 3.74 -3.34 17.69
CA LEU A 38 2.72 -4.00 16.90
C LEU A 38 3.30 -4.24 15.52
N LEU A 39 4.18 -3.33 15.13
CA LEU A 39 4.87 -3.41 13.87
C LEU A 39 6.37 -3.31 14.11
N LYS A 40 7.12 -4.16 13.44
CA LYS A 40 8.58 -4.12 13.52
C LYS A 40 9.11 -4.06 12.10
N VAL A 41 9.96 -3.07 11.83
CA VAL A 41 10.56 -2.91 10.51
C VAL A 41 12.06 -3.00 10.68
N GLU A 42 12.69 -3.92 9.95
CA GLU A 42 14.12 -4.16 10.09
C GLU A 42 14.78 -4.10 8.72
N CYS A 43 15.84 -3.30 8.59
CA CYS A 43 16.42 -3.07 7.28
C CYS A 43 17.84 -3.65 7.07
N TRP A 44 18.07 -4.19 5.88
CA TRP A 44 19.40 -4.63 5.47
C TRP A 44 19.77 -3.87 4.21
N ASN A 45 20.96 -3.32 4.21
CA ASN A 45 21.46 -2.55 3.09
C ASN A 45 22.48 -3.40 2.30
N PRO A 46 22.21 -3.64 1.00
CA PRO A 46 23.15 -4.43 0.18
C PRO A 46 24.56 -3.88 0.20
N ARG A 47 24.67 -2.60 0.44
CA ARG A 47 25.98 -1.96 0.49
C ARG A 47 26.81 -2.57 1.63
N ASP A 48 26.14 -3.03 2.69
CA ASP A 48 26.87 -3.64 3.81
C ASP A 48 27.39 -5.02 3.45
N PHE A 49 26.92 -5.55 2.33
CA PHE A 49 27.27 -6.90 1.96
C PHE A 49 28.34 -6.97 0.85
N THR A 50 28.96 -5.83 0.55
CA THR A 50 30.00 -5.76 -0.48
C THR A 50 31.37 -6.09 0.13
N PHE A 51 32.37 -6.32 -0.72
CA PHE A 51 33.73 -6.61 -0.22
C PHE A 51 34.80 -5.76 -0.90
N ASP A 52 34.43 -5.14 -2.02
CA ASP A 52 35.35 -4.27 -2.73
C ASP A 52 35.42 -2.92 -2.02
N LYS A 53 36.49 -2.18 -2.27
CA LYS A 53 36.78 -0.97 -1.52
C LYS A 53 35.70 0.09 -1.66
N HIS A 54 35.13 0.18 -2.87
CA HIS A 54 34.17 1.23 -3.18
C HIS A 54 32.71 0.85 -2.92
N LYS A 55 32.50 -0.31 -2.30
CA LYS A 55 31.17 -0.79 -1.96
C LYS A 55 30.21 -0.75 -3.16
N THR A 56 30.67 -1.29 -4.29
CA THR A 56 29.93 -1.29 -5.54
C THR A 56 28.67 -2.14 -5.46
N VAL A 57 27.53 -1.53 -5.80
CA VAL A 57 26.24 -2.21 -5.69
C VAL A 57 25.45 -2.24 -7.00
N ASP A 58 26.03 -1.71 -8.07
CA ASP A 58 25.42 -1.79 -9.39
C ASP A 58 26.28 -2.62 -10.35
N ASP A 59 25.72 -2.99 -11.49
CA ASP A 59 26.42 -3.85 -12.44
C ASP A 59 25.83 -3.67 -13.86
N ARG A 60 26.67 -3.85 -14.88
CA ARG A 60 26.22 -3.63 -16.26
C ARG A 60 25.37 -4.80 -16.72
N PRO A 61 24.37 -4.53 -17.57
CA PRO A 61 23.51 -5.59 -18.10
C PRO A 61 24.10 -6.21 -19.34
N TYR A 62 24.00 -7.54 -19.42
CA TYR A 62 24.37 -8.25 -20.63
C TYR A 62 23.50 -7.81 -21.80
N GLY A 63 24.05 -7.84 -23.00
CA GLY A 63 23.28 -7.46 -24.18
C GLY A 63 23.23 -5.96 -24.37
N GLY A 64 23.98 -5.24 -23.54
CA GLY A 64 24.03 -3.79 -23.63
C GLY A 64 22.76 -3.15 -23.11
N GLY A 65 22.54 -1.90 -23.49
CA GLY A 65 21.45 -1.13 -22.92
C GLY A 65 22.06 -0.06 -22.05
N PRO A 66 21.40 1.10 -21.95
CA PRO A 66 21.98 2.31 -21.37
C PRO A 66 22.00 2.32 -19.84
N GLY A 67 21.13 1.53 -19.21
CA GLY A 67 21.04 1.57 -17.76
C GLY A 67 21.84 0.52 -16.99
N MET A 68 21.75 0.58 -15.67
CA MET A 68 22.47 -0.33 -14.78
C MET A 68 21.50 -1.23 -14.00
N LEU A 69 21.97 -2.38 -13.54
CA LEU A 69 21.16 -3.19 -12.65
C LEU A 69 21.83 -3.29 -11.30
N MET A 70 21.11 -3.88 -10.36
CA MET A 70 21.65 -4.10 -9.04
CA MET A 70 21.61 -4.14 -9.02
C MET A 70 22.62 -5.28 -9.09
N MET A 71 23.80 -5.07 -8.52
CA MET A 71 24.79 -6.14 -8.49
C MET A 71 24.19 -7.33 -7.77
N VAL A 72 24.41 -8.51 -8.32
CA VAL A 72 23.74 -9.72 -7.85
C VAL A 72 24.19 -10.18 -6.46
N GLN A 73 25.50 -10.18 -6.24
CA GLN A 73 26.06 -10.77 -5.02
C GLN A 73 25.68 -10.03 -3.74
N PRO A 74 25.88 -8.69 -3.69
CA PRO A 74 25.48 -7.97 -2.48
C PRO A 74 23.98 -8.09 -2.20
N LEU A 75 23.17 -7.96 -3.25
CA LEU A 75 21.72 -8.06 -3.10
C LEU A 75 21.28 -9.44 -2.63
N ARG A 76 21.88 -10.47 -3.22
CA ARG A 76 21.54 -11.87 -2.91
C ARG A 76 21.92 -12.20 -1.47
N ASP A 77 23.09 -11.71 -1.05
CA ASP A 77 23.55 -11.91 0.32
C ASP A 77 22.69 -11.19 1.35
N ALA A 78 22.16 -10.02 0.98
CA ALA A 78 21.28 -9.30 1.91
C ALA A 78 19.98 -10.06 2.04
N ILE A 79 19.43 -10.51 0.92
CA ILE A 79 18.17 -11.25 0.96
C ILE A 79 18.29 -12.49 1.85
N HIS A 80 19.36 -13.25 1.65
CA HIS A 80 19.58 -14.48 2.41
C HIS A 80 19.71 -14.22 3.91
N THR A 81 20.46 -13.17 4.26
CA THR A 81 20.55 -12.78 5.65
C THR A 81 19.17 -12.49 6.26
N ALA A 82 18.33 -11.78 5.50
CA ALA A 82 17.00 -11.40 5.99
C ALA A 82 16.11 -12.62 6.13
N LYS A 83 16.21 -13.54 5.18
CA LYS A 83 15.44 -14.77 5.20
C LYS A 83 15.82 -15.60 6.43
N ALA A 84 17.11 -15.56 6.76
CA ALA A 84 17.62 -16.27 7.93
C ALA A 84 17.16 -15.62 9.24
N ALA A 85 17.24 -14.31 9.33
CA ALA A 85 16.77 -13.60 10.52
C ALA A 85 15.25 -13.69 10.69
N ALA A 86 14.54 -13.80 9.57
CA ALA A 86 13.09 -13.96 9.60
C ALA A 86 12.71 -15.31 10.15
N GLY A 87 13.47 -16.33 9.77
CA GLY A 87 13.09 -17.69 10.07
C GLY A 87 12.05 -18.15 9.07
N GLU A 88 11.23 -19.11 9.49
CA GLU A 88 10.33 -19.79 8.56
C GLU A 88 9.09 -18.98 8.24
N GLY A 89 8.56 -19.19 7.05
CA GLY A 89 7.25 -18.66 6.69
C GLY A 89 7.21 -17.27 6.06
N ALA A 90 8.31 -16.53 6.18
CA ALA A 90 8.36 -15.17 5.64
C ALA A 90 8.31 -15.13 4.12
N LYS A 91 7.31 -14.43 3.60
CA LYS A 91 7.12 -14.28 2.17
C LYS A 91 7.96 -13.11 1.62
N VAL A 92 8.52 -13.29 0.43
CA VAL A 92 9.48 -12.32 -0.10
C VAL A 92 8.87 -11.60 -1.29
N ILE A 93 8.67 -10.29 -1.12
CA ILE A 93 7.97 -9.48 -2.10
C ILE A 93 8.95 -8.55 -2.79
N TYR A 94 8.90 -8.56 -4.12
CA TYR A 94 9.66 -7.61 -4.92
C TYR A 94 8.71 -6.56 -5.48
N LEU A 95 9.00 -5.29 -5.19
CA LEU A 95 8.20 -4.18 -5.71
C LEU A 95 8.71 -3.74 -7.07
N SER A 96 7.84 -3.73 -8.07
CA SER A 96 8.24 -3.34 -9.42
C SER A 96 7.00 -3.11 -10.27
N PRO A 97 7.15 -2.41 -11.40
CA PRO A 97 6.00 -2.17 -12.29
C PRO A 97 5.50 -3.42 -13.06
N GLN A 98 6.20 -4.54 -12.96
CA GLN A 98 5.79 -5.80 -13.60
C GLN A 98 4.94 -6.63 -12.66
N GLY A 99 4.93 -6.26 -11.39
CA GLY A 99 4.23 -7.05 -10.40
C GLY A 99 2.73 -7.01 -10.57
N ARG A 100 2.05 -7.82 -9.76
CA ARG A 100 0.60 -7.78 -9.65
C ARG A 100 0.21 -6.39 -9.10
N LYS A 101 -0.89 -5.84 -9.61
CA LYS A 101 -1.35 -4.50 -9.20
C LYS A 101 -1.97 -4.51 -7.80
N LEU A 102 -1.41 -3.70 -6.91
CA LEU A 102 -1.94 -3.64 -5.55
C LEU A 102 -3.31 -2.93 -5.53
N ASP A 103 -4.23 -3.49 -4.76
CA ASP A 103 -5.48 -2.83 -4.40
C ASP A 103 -5.84 -3.33 -3.01
N GLN A 104 -6.95 -2.89 -2.44
CA GLN A 104 -7.22 -3.21 -1.03
C GLN A 104 -7.43 -4.71 -0.80
N GLY A 105 -8.01 -5.41 -1.76
CA GLY A 105 -8.10 -6.86 -1.71
C GLY A 105 -6.70 -7.44 -1.58
N GLY A 106 -5.79 -6.93 -2.40
CA GLY A 106 -4.40 -7.33 -2.32
C GLY A 106 -3.81 -7.01 -0.98
N VAL A 107 -4.15 -5.86 -0.41
CA VAL A 107 -3.63 -5.50 0.91
C VAL A 107 -4.13 -6.45 1.99
N THR A 108 -5.42 -6.81 1.93
CA THR A 108 -6.00 -7.73 2.91
C THR A 108 -5.27 -9.08 2.90
N GLU A 109 -5.00 -9.62 1.71
CA GLU A 109 -4.20 -10.85 1.58
C GLU A 109 -2.80 -10.72 2.15
N LEU A 110 -2.06 -9.69 1.74
CA LEU A 110 -0.71 -9.51 2.24
C LEU A 110 -0.70 -9.38 3.75
N ALA A 111 -1.75 -8.76 4.27
CA ALA A 111 -1.88 -8.49 5.70
C ALA A 111 -1.93 -9.77 6.53
N GLN A 112 -2.38 -10.86 5.91
CA GLN A 112 -2.48 -12.13 6.60
C GLN A 112 -1.13 -12.80 6.87
N ASN A 113 -0.04 -12.14 6.49
CA ASN A 113 1.30 -12.68 6.71
C ASN A 113 1.99 -12.12 7.96
N GLN A 114 2.31 -12.97 8.92
CA GLN A 114 2.98 -12.54 10.13
C GLN A 114 4.36 -11.98 9.82
N LYS A 115 4.96 -12.47 8.74
CA LYS A 115 6.31 -12.06 8.33
C LYS A 115 6.40 -11.73 6.84
N LEU A 116 6.99 -10.58 6.54
CA LEU A 116 7.25 -10.21 5.15
C LEU A 116 8.68 -9.72 4.96
N ILE A 117 9.21 -9.95 3.77
CA ILE A 117 10.48 -9.35 3.38
C ILE A 117 10.27 -8.62 2.06
N LEU A 118 10.69 -7.36 2.03
CA LEU A 118 10.42 -6.50 0.89
C LEU A 118 11.73 -6.11 0.23
N VAL A 119 11.84 -6.40 -1.06
CA VAL A 119 13.07 -6.10 -1.80
C VAL A 119 12.86 -4.85 -2.63
N CYS A 120 13.63 -3.81 -2.34
CA CYS A 120 13.47 -2.52 -3.04
C CYS A 120 14.56 -2.38 -4.08
N GLY A 121 14.17 -2.43 -5.35
CA GLY A 121 15.12 -2.30 -6.44
C GLY A 121 15.49 -0.86 -6.74
N ARG A 122 16.73 -0.65 -7.15
CA ARG A 122 17.18 0.64 -7.65
C ARG A 122 17.70 0.43 -9.06
N TYR A 123 18.24 1.49 -9.67
CA TYR A 123 18.67 1.46 -11.06
C TYR A 123 17.56 0.89 -11.97
N GLU A 124 17.91 0.08 -12.97
CA GLU A 124 16.92 -0.37 -13.96
C GLU A 124 16.34 -1.73 -13.64
N GLY A 125 16.56 -2.22 -12.42
CA GLY A 125 15.97 -3.48 -12.02
C GLY A 125 16.97 -4.44 -11.41
N ILE A 126 16.54 -5.68 -11.25
CA ILE A 126 17.40 -6.72 -10.71
C ILE A 126 17.45 -7.89 -11.68
N ASP A 127 18.49 -8.71 -11.55
CA ASP A 127 18.70 -9.88 -12.42
C ASP A 127 17.51 -10.82 -12.38
N GLU A 128 17.06 -11.27 -13.55
CA GLU A 128 15.84 -12.09 -13.64
C GLU A 128 15.94 -13.41 -12.88
N ARG A 129 17.15 -13.92 -12.71
CA ARG A 129 17.35 -15.20 -12.03
C ARG A 129 17.10 -15.09 -10.53
N LEU A 130 17.54 -13.99 -9.93
CA LEU A 130 17.13 -13.64 -8.56
C LEU A 130 15.60 -13.61 -8.38
N ILE A 131 14.87 -13.08 -9.36
CA ILE A 131 13.41 -13.08 -9.28
C ILE A 131 12.84 -14.51 -9.23
N GLN A 132 13.34 -15.37 -10.11
CA GLN A 132 12.87 -16.75 -10.14
C GLN A 132 13.16 -17.50 -8.83
N THR A 133 14.35 -17.31 -8.28
CA THR A 133 14.79 -18.11 -7.13
C THR A 133 14.54 -17.47 -5.75
N GLU A 134 14.65 -16.15 -5.64
CA GLU A 134 14.54 -15.51 -4.33
C GLU A 134 13.17 -14.91 -4.03
N ILE A 135 12.40 -14.61 -5.08
CA ILE A 135 11.15 -13.87 -4.93
C ILE A 135 9.91 -14.77 -5.02
N ASP A 136 9.04 -14.65 -4.02
CA ASP A 136 7.78 -15.38 -4.02
C ASP A 136 6.69 -14.62 -4.80
N GLU A 137 6.52 -13.35 -4.49
CA GLU A 137 5.54 -12.52 -5.20
C GLU A 137 6.12 -11.18 -5.67
N GLU A 138 5.77 -10.81 -6.91
CA GLU A 138 6.10 -9.52 -7.45
C GLU A 138 4.82 -8.65 -7.37
N TRP A 139 4.93 -7.44 -6.85
CA TRP A 139 3.78 -6.53 -6.73
C TRP A 139 4.09 -5.11 -7.21
N SER A 140 3.09 -4.46 -7.81
CA SER A 140 3.18 -3.05 -8.18
C SER A 140 2.14 -2.19 -7.42
N ILE A 141 2.54 -1.00 -6.97
CA ILE A 141 1.58 -0.11 -6.33
C ILE A 141 0.87 0.77 -7.34
N GLY A 142 1.25 0.66 -8.61
CA GLY A 142 0.58 1.42 -9.65
C GLY A 142 1.34 1.54 -10.96
N ASP A 143 0.61 1.87 -12.02
CA ASP A 143 1.15 1.96 -13.36
C ASP A 143 1.87 3.26 -13.62
N TYR A 144 2.81 3.60 -12.75
CA TYR A 144 3.65 4.76 -12.94
C TYR A 144 5.07 4.36 -12.59
N VAL A 145 6.06 5.14 -13.04
CA VAL A 145 7.46 4.77 -12.86
C VAL A 145 8.17 5.64 -11.85
N LEU A 146 8.86 5.01 -10.89
CA LEU A 146 9.54 5.73 -9.83
C LEU A 146 11.06 5.51 -9.88
N THR A 147 11.79 6.22 -9.04
CA THR A 147 13.25 6.11 -9.00
C THR A 147 13.71 4.85 -8.24
N GLY A 148 12.81 4.19 -7.54
CA GLY A 148 13.18 3.03 -6.73
C GLY A 148 11.99 2.40 -6.05
N GLY A 149 12.19 1.20 -5.51
CA GLY A 149 11.10 0.45 -4.88
C GLY A 149 10.77 0.85 -3.45
N GLU A 150 11.56 1.75 -2.87
CA GLU A 150 11.36 2.18 -1.48
C GLU A 150 9.95 2.70 -1.21
N LEU A 151 9.55 3.75 -1.94
CA LEU A 151 8.24 4.36 -1.66
C LEU A 151 7.12 3.35 -1.87
N PRO A 152 7.26 2.46 -2.87
CA PRO A 152 6.17 1.46 -2.91
C PRO A 152 6.19 0.54 -1.71
N ALA A 153 7.38 0.17 -1.24
CA ALA A 153 7.50 -0.67 -0.06
C ALA A 153 6.89 0.05 1.16
N MET A 154 7.20 1.32 1.32
CA MET A 154 6.59 2.09 2.40
C MET A 154 5.06 2.15 2.28
N THR A 155 4.56 2.29 1.06
CA THR A 155 3.13 2.35 0.83
C THR A 155 2.49 1.03 1.27
N LEU A 156 3.11 -0.07 0.86
CA LEU A 156 2.66 -1.40 1.23
C LEU A 156 2.64 -1.55 2.74
N ILE A 157 3.73 -1.16 3.39
CA ILE A 157 3.83 -1.30 4.83
C ILE A 157 2.72 -0.54 5.53
N ASP A 158 2.53 0.71 5.13
CA ASP A 158 1.50 1.57 5.73
C ASP A 158 0.12 0.95 5.58
N ALA A 159 -0.17 0.49 4.35
CA ALA A 159 -1.45 -0.12 4.02
C ALA A 159 -1.79 -1.37 4.83
N VAL A 160 -0.79 -2.23 5.06
CA VAL A 160 -1.07 -3.49 5.74
C VAL A 160 -1.07 -3.28 7.23
N ALA A 161 -0.30 -2.28 7.67
CA ALA A 161 -0.21 -1.97 9.08
C ALA A 161 -1.58 -1.66 9.70
N ARG A 162 -2.51 -1.18 8.89
CA ARG A 162 -3.81 -0.76 9.39
C ARG A 162 -4.66 -1.96 9.80
N PHE A 163 -4.22 -3.15 9.38
CA PHE A 163 -4.93 -4.39 9.69
C PHE A 163 -4.45 -4.99 10.99
N ILE A 164 -3.32 -4.51 11.50
CA ILE A 164 -2.80 -5.00 12.76
C ILE A 164 -3.65 -4.46 13.89
N PRO A 165 -4.15 -5.37 14.74
CA PRO A 165 -5.02 -5.00 15.86
C PRO A 165 -4.32 -4.05 16.84
N GLY A 166 -4.98 -2.95 17.16
CA GLY A 166 -4.40 -1.97 18.07
C GLY A 166 -3.75 -0.81 17.34
N VAL A 167 -3.60 -0.93 16.03
CA VAL A 167 -2.93 0.12 15.25
C VAL A 167 -3.85 1.29 14.97
N LEU A 168 -4.99 1.02 14.34
CA LEU A 168 -6.03 2.04 14.20
C LEU A 168 -6.64 2.36 15.56
N GLY A 169 -7.40 3.45 15.63
CA GLY A 169 -8.03 3.87 16.88
C GLY A 169 -9.54 3.66 16.89
N SER A 178 -14.61 1.70 6.41
CA SER A 178 -15.17 2.41 5.26
C SER A 178 -14.51 1.90 4.00
N PHE A 179 -15.06 2.29 2.84
CA PHE A 179 -14.63 1.81 1.51
C PHE A 179 -14.89 0.33 1.28
N ALA A 180 -15.20 -0.40 2.36
CA ALA A 180 -15.37 -1.85 2.32
C ALA A 180 -16.68 -2.26 1.66
N ASP A 181 -17.61 -1.30 1.53
CA ASP A 181 -18.85 -1.49 0.78
C ASP A 181 -18.59 -1.46 -0.73
N GLY A 182 -17.35 -1.20 -1.12
CA GLY A 182 -16.98 -1.12 -2.52
C GLY A 182 -17.11 0.26 -3.13
N LEU A 183 -17.57 1.21 -2.34
CA LEU A 183 -17.88 2.56 -2.85
C LEU A 183 -16.88 3.61 -2.40
N LEU A 184 -16.85 4.71 -3.15
CA LEU A 184 -16.11 5.88 -2.73
C LEU A 184 -16.73 6.46 -1.45
N ASP A 185 -15.97 7.27 -0.72
CA ASP A 185 -16.42 7.85 0.52
C ASP A 185 -17.46 8.94 0.25
N CYS A 186 -18.25 9.29 1.26
CA CYS A 186 -19.21 10.37 1.15
C CYS A 186 -18.53 11.70 1.49
N PRO A 187 -19.16 12.84 1.13
CA PRO A 187 -18.59 14.12 1.53
C PRO A 187 -18.65 14.30 3.05
N HIS A 188 -17.58 14.78 3.66
CA HIS A 188 -17.56 15.05 5.10
C HIS A 188 -17.56 16.56 5.35
N TYR A 189 -18.02 16.94 6.53
CA TYR A 189 -18.14 18.36 6.91
C TYR A 189 -17.80 18.54 8.38
N THR A 190 -17.09 19.62 8.69
CA THR A 190 -16.85 20.01 10.08
C THR A 190 -17.03 21.53 10.26
N ARG A 191 -16.75 22.05 11.45
CA ARG A 191 -16.88 23.49 11.71
C ARG A 191 -16.07 24.25 10.68
N PRO A 192 -16.55 25.44 10.27
CA PRO A 192 -17.79 26.09 10.72
C PRO A 192 -19.00 25.72 9.87
N GLU A 193 -20.19 26.10 10.34
CA GLU A 193 -21.43 25.78 9.62
C GLU A 193 -21.54 26.48 8.25
N VAL A 194 -20.99 27.67 8.15
CA VAL A 194 -20.87 28.34 6.85
C VAL A 194 -19.42 28.70 6.59
N LEU A 195 -19.00 28.62 5.32
CA LEU A 195 -17.62 28.82 4.95
C LEU A 195 -17.56 29.31 3.52
N GLU A 196 -17.12 30.55 3.32
CA GLU A 196 -17.14 31.18 1.99
C GLU A 196 -18.55 31.18 1.43
N GLY A 197 -19.55 31.36 2.30
CA GLY A 197 -20.94 31.24 1.89
C GLY A 197 -21.38 29.86 1.43
N LEU A 198 -20.70 28.81 1.89
CA LEU A 198 -21.14 27.45 1.64
C LEU A 198 -21.58 26.82 2.95
N THR A 199 -22.69 26.10 2.93
CA THR A 199 -23.29 25.61 4.16
C THR A 199 -23.31 24.09 4.24
N VAL A 200 -23.35 23.57 5.46
CA VAL A 200 -23.44 22.14 5.69
C VAL A 200 -24.83 21.65 5.28
N PRO A 201 -24.90 20.53 4.55
CA PRO A 201 -26.19 19.92 4.22
C PRO A 201 -27.03 19.72 5.48
N PRO A 202 -28.22 20.32 5.52
CA PRO A 202 -29.12 20.35 6.68
C PRO A 202 -29.32 19.00 7.32
N VAL A 203 -29.47 17.95 6.51
CA VAL A 203 -29.74 16.61 7.04
C VAL A 203 -28.65 16.13 8.00
N LEU A 204 -27.43 16.61 7.83
CA LEU A 204 -26.34 16.24 8.73
C LEU A 204 -26.51 16.91 10.10
N MET A 205 -27.26 18.01 10.12
CA MET A 205 -27.61 18.71 11.37
C MET A 205 -28.87 18.11 12.00
N SER A 206 -29.74 17.54 11.16
CA SER A 206 -31.07 17.08 11.56
C SER A 206 -31.12 16.13 12.77
N GLY A 207 -30.01 15.47 13.05
CA GLY A 207 -29.97 14.53 14.15
C GLY A 207 -30.60 13.18 13.83
N HIS A 208 -31.12 13.02 12.62
CA HIS A 208 -31.71 11.73 12.22
C HIS A 208 -30.68 10.77 11.65
N HIS A 209 -30.22 9.84 12.49
CA HIS A 209 -29.17 8.91 12.11
C HIS A 209 -29.54 8.06 10.92
N GLU A 210 -30.85 7.86 10.71
CA GLU A 210 -31.32 7.04 9.62
C GLU A 210 -31.36 7.84 8.32
N GLU A 211 -31.84 9.08 8.40
CA GLU A 211 -31.79 9.98 7.25
C GLU A 211 -30.33 10.23 6.85
N ILE A 212 -29.46 10.34 7.84
CA ILE A 212 -28.06 10.64 7.62
C ILE A 212 -27.32 9.48 6.96
N ARG A 213 -27.52 8.27 7.50
CA ARG A 213 -26.98 7.07 6.88
C ARG A 213 -27.38 6.97 5.40
N LYS A 214 -28.68 7.14 5.14
CA LYS A 214 -29.18 7.02 3.77
C LYS A 214 -28.60 8.09 2.83
N TRP A 215 -28.52 9.33 3.31
CA TRP A 215 -27.95 10.42 2.53
C TRP A 215 -26.47 10.20 2.20
N ARG A 216 -25.70 9.74 3.18
CA ARG A 216 -24.28 9.43 2.95
C ARG A 216 -24.13 8.33 1.93
N LEU A 217 -24.89 7.24 2.10
CA LEU A 217 -24.85 6.11 1.18
C LEU A 217 -25.15 6.57 -0.25
N LYS A 218 -26.17 7.39 -0.38
CA LYS A 218 -26.62 7.92 -1.67
C LYS A 218 -25.53 8.74 -2.35
N GLN A 219 -24.83 9.55 -1.56
CA GLN A 219 -23.67 10.29 -2.05
C GLN A 219 -22.58 9.38 -2.60
N SER A 220 -22.20 8.38 -1.82
CA SER A 220 -21.19 7.40 -2.21
C SER A 220 -21.56 6.73 -3.53
N LEU A 221 -22.80 6.27 -3.60
CA LEU A 221 -23.31 5.69 -4.85
C LEU A 221 -23.14 6.67 -6.00
N GLN A 222 -23.54 7.93 -5.81
CA GLN A 222 -23.42 8.91 -6.87
C GLN A 222 -21.97 9.19 -7.26
N ARG A 223 -21.14 9.49 -6.25
CA ARG A 223 -19.74 9.79 -6.49
C ARG A 223 -19.00 8.63 -7.16
N THR A 224 -19.34 7.39 -6.79
CA THR A 224 -18.74 6.24 -7.47
C THR A 224 -19.20 6.18 -8.92
N TRP A 225 -20.50 6.36 -9.13
CA TRP A 225 -21.07 6.38 -10.46
C TRP A 225 -20.39 7.43 -11.36
N LEU A 226 -20.22 8.63 -10.84
CA LEU A 226 -19.67 9.73 -11.63
C LEU A 226 -18.16 9.62 -11.83
N ARG A 227 -17.45 9.27 -10.78
CA ARG A 227 -15.98 9.27 -10.81
C ARG A 227 -15.33 7.93 -11.19
N ARG A 228 -15.95 6.83 -10.78
CA ARG A 228 -15.38 5.49 -10.98
C ARG A 228 -16.46 4.47 -11.32
N PRO A 229 -17.08 4.61 -12.51
CA PRO A 229 -18.22 3.75 -12.84
C PRO A 229 -17.84 2.27 -12.95
N GLU A 230 -16.57 1.98 -13.25
CA GLU A 230 -16.11 0.61 -13.36
C GLU A 230 -16.17 -0.09 -12.00
N LEU A 231 -16.00 0.67 -10.93
CA LEU A 231 -16.13 0.13 -9.58
C LEU A 231 -17.55 -0.37 -9.32
N LEU A 232 -18.51 0.19 -10.04
CA LEU A 232 -19.91 -0.19 -9.89
C LEU A 232 -20.30 -1.49 -10.60
N GLU A 233 -19.48 -1.93 -11.55
CA GLU A 233 -19.80 -3.16 -12.29
C GLU A 233 -19.31 -4.38 -11.54
N GLY A 234 -18.27 -4.21 -10.74
CA GLY A 234 -17.81 -5.27 -9.85
C GLY A 234 -18.76 -5.50 -8.69
N LEU A 235 -19.81 -4.70 -8.60
CA LEU A 235 -20.72 -4.75 -7.46
C LEU A 235 -22.09 -5.36 -7.72
N ALA A 236 -22.50 -6.23 -6.80
CA ALA A 236 -23.86 -6.74 -6.76
C ALA A 236 -24.63 -5.90 -5.75
N LEU A 237 -25.20 -4.79 -6.21
CA LEU A 237 -25.88 -3.84 -5.32
C LEU A 237 -27.07 -4.46 -4.58
N THR A 238 -27.31 -3.99 -3.35
CA THR A 238 -28.48 -4.39 -2.56
C THR A 238 -29.74 -3.68 -3.05
N ASP A 239 -30.91 -4.09 -2.54
CA ASP A 239 -32.16 -3.44 -2.90
CA ASP A 239 -32.13 -3.44 -2.96
C ASP A 239 -32.08 -1.95 -2.61
N GLU A 240 -31.53 -1.65 -1.43
CA GLU A 240 -31.44 -0.28 -0.94
C GLU A 240 -30.52 0.57 -1.82
N GLN A 241 -29.39 -0.02 -2.20
CA GLN A 241 -28.39 0.70 -2.96
C GLN A 241 -28.87 0.97 -4.37
N ARG A 242 -29.52 0.00 -4.98
CA ARG A 242 -30.14 0.19 -6.29
C ARG A 242 -31.17 1.32 -6.27
N LYS A 243 -32.01 1.33 -5.23
CA LYS A 243 -32.97 2.42 -5.01
C LYS A 243 -32.25 3.76 -5.01
N LEU A 244 -31.38 3.96 -4.02
CA LEU A 244 -30.71 5.24 -3.81
C LEU A 244 -29.88 5.68 -5.01
N LEU A 245 -29.28 4.73 -5.73
CA LEU A 245 -28.52 5.07 -6.95
C LEU A 245 -29.44 5.57 -8.06
N LYS A 246 -30.56 4.86 -8.27
CA LYS A 246 -31.54 5.26 -9.27
C LYS A 246 -32.05 6.66 -8.99
N GLU A 247 -32.29 6.95 -7.72
CA GLU A 247 -32.72 8.28 -7.31
C GLU A 247 -31.65 9.32 -7.65
N ALA A 248 -30.40 8.97 -7.38
CA ALA A 248 -29.30 9.90 -7.59
C ALA A 248 -29.01 10.09 -9.08
N GLN A 249 -29.18 9.02 -9.86
CA GLN A 249 -29.03 9.12 -11.31
C GLN A 249 -30.15 9.97 -11.94
N ALA A 250 -31.38 9.77 -11.50
CA ALA A 250 -32.50 10.58 -11.96
C ALA A 250 -32.31 12.05 -11.62
N GLU A 251 -31.83 12.33 -10.41
CA GLU A 251 -31.65 13.70 -9.93
C GLU A 251 -30.43 14.40 -10.52
N HIS A 252 -29.68 13.68 -11.35
CA HIS A 252 -28.56 14.27 -12.07
C HIS A 252 -29.09 14.81 -13.39
N ASN A 253 -30.42 14.91 -13.48
CA ASN A 253 -31.11 15.40 -14.67
C ASN A 253 -31.94 16.64 -14.35
C14 4H4 B . 12.12 0.12 -13.32
C18 4H4 B . 12.62 2.31 -12.61
C15 4H4 B . 12.42 0.45 -14.61
C17 4H4 B . 12.92 2.67 -13.91
C13 4H4 B . 12.21 1.04 -12.30
C16 4H4 B . 12.82 1.73 -14.91
C6 4H4 B . 7.56 0.54 -8.96
C2 4H4 B . 6.14 0.53 -8.99
C7 4H4 B . 8.50 1.32 -9.69
C11 4H4 B . 12.29 1.43 -9.70
C12 4H4 B . 11.87 0.65 -10.92
C10 4H4 B . 10.88 1.49 -10.16
N5 4H4 B . 8.02 -0.35 -8.07
N3 4H4 B . 5.70 -0.38 -8.12
N1 4H4 B . 5.39 1.33 -9.78
N20 4H4 B . 11.70 2.00 -17.34
N9 4H4 B . 9.78 0.89 -9.48
O8 4H4 B . 8.15 2.27 -10.38
O21 4H4 B . 13.64 3.54 -16.60
O22 4H4 B . 14.10 1.11 -17.09
O4 4H4 B . 6.86 -0.93 -7.55
S19 4H4 B . 13.23 2.16 -16.60
#